data_1ABY
#
_entry.id   1ABY
#
_cell.length_a   102.540
_cell.length_b   115.170
_cell.length_c   56.700
_cell.angle_alpha   90.00
_cell.angle_beta   90.00
_cell.angle_gamma   90.00
#
_symmetry.space_group_name_H-M   'P 21 21 21'
#
loop_
_entity.id
_entity.type
_entity.pdbx_description
1 polymer HEMOGLOBIN
2 polymer HEMOGLOBIN
3 non-polymer 'CYANIDE ION'
4 non-polymer 'PROTOPORPHYRIN IX CONTAINING FE'
5 water water
#
loop_
_entity_poly.entity_id
_entity_poly.type
_entity_poly.pdbx_seq_one_letter_code
_entity_poly.pdbx_strand_id
1 'polypeptide(L)'
;MLSPADKTNVKAAWGKVGAHAGEYGAEALERMFLSFPTTKTYFPHFDLSHGSAQVKGHGKKVADALTNAVAHVDDMPNAL
SALSDLHAHKLRVDPVNFKLLSHCLLVTLAAHLPAEFTPAVHASLDKFLASVSTVLTSKYRGVLSPADKTNVKAAWGKVG
AHAGEYGAEALERMFLSFPTTKTYFPHFDLSHGSAQVKGHGKKVADALTNAVAHVDDMPNALSALSDLHAHKLRVDPVNF
KLLSHCLLVTLAAHLPAEFTPAVHASLDKFLASVSTVLTSKYR
;
A
2 'polypeptide(L)'
;MHLTPEEKSAVTALWGKVNVDEVGGEALGRLLVVYPWTQRFFESFGDLSTPDAVMGNPKVKAHGKKVLGAFSDGLAHLDN
LKGTFATLSELHCDKLHVDPENFRLLGKVLVCVLAHHFGKEFTPPVQAAYQKVVAGVANALAHKYH
;
B,D
#
loop_
_chem_comp.id
_chem_comp.type
_chem_comp.name
_chem_comp.formula
CYN non-polymer 'CYANIDE ION' 'C N -1'
HEM non-polymer 'PROTOPORPHYRIN IX CONTAINING FE' 'C34 H32 Fe N4 O4'
#
# COMPACT_ATOMS: atom_id res chain seq x y z
N MET A 1 -21.96 -4.29 -0.15
CA MET A 1 -20.77 -4.47 0.75
C MET A 1 -21.06 -5.53 1.82
N LEU A 2 -21.55 -5.11 2.98
CA LEU A 2 -21.89 -6.05 4.06
C LEU A 2 -23.27 -6.69 3.84
N SER A 3 -23.32 -8.02 3.87
CA SER A 3 -24.57 -8.76 3.69
C SER A 3 -25.29 -8.90 5.03
N PRO A 4 -26.61 -9.16 5.01
CA PRO A 4 -27.38 -9.32 6.24
C PRO A 4 -26.69 -10.37 7.12
N ALA A 5 -26.26 -11.47 6.49
CA ALA A 5 -25.54 -12.55 7.15
C ALA A 5 -24.29 -11.96 7.79
N ASP A 6 -23.63 -11.04 7.07
CA ASP A 6 -22.44 -10.37 7.58
C ASP A 6 -22.78 -9.53 8.81
N LYS A 7 -23.85 -8.72 8.74
CA LYS A 7 -24.25 -7.88 9.86
C LYS A 7 -24.42 -8.76 11.09
N THR A 8 -25.14 -9.88 10.91
CA THR A 8 -25.41 -10.85 11.99
C THR A 8 -24.17 -11.42 12.65
N ASN A 9 -23.19 -11.80 11.84
CA ASN A 9 -21.94 -12.35 12.36
C ASN A 9 -21.18 -11.34 13.18
N VAL A 10 -21.22 -10.08 12.74
CA VAL A 10 -20.58 -8.98 13.44
C VAL A 10 -21.25 -8.79 14.81
N LYS A 11 -22.52 -8.43 14.80
CA LYS A 11 -23.30 -8.21 16.04
C LYS A 11 -23.07 -9.28 17.11
N ALA A 12 -23.06 -10.54 16.69
CA ALA A 12 -22.87 -11.67 17.59
C ALA A 12 -21.47 -11.74 18.19
N ALA A 13 -20.47 -11.55 17.34
CA ALA A 13 -19.10 -11.60 17.76
C ALA A 13 -18.81 -10.43 18.68
N TRP A 14 -19.24 -9.23 18.29
CA TRP A 14 -18.99 -8.07 19.14
C TRP A 14 -19.78 -8.20 20.44
N GLY A 15 -20.92 -8.89 20.36
CA GLY A 15 -21.75 -9.14 21.52
C GLY A 15 -20.99 -9.98 22.52
N LYS A 16 -20.26 -10.98 22.02
CA LYS A 16 -19.49 -11.90 22.88
C LYS A 16 -18.31 -11.19 23.58
N VAL A 17 -17.74 -10.19 22.93
CA VAL A 17 -16.63 -9.40 23.47
C VAL A 17 -17.11 -8.77 24.77
N GLY A 18 -18.28 -8.16 24.67
CA GLY A 18 -18.94 -7.55 25.81
C GLY A 18 -18.21 -6.45 26.56
N ALA A 19 -18.08 -6.66 27.86
CA ALA A 19 -17.44 -5.71 28.76
C ALA A 19 -15.93 -5.63 28.55
N HIS A 20 -15.40 -6.55 27.74
CA HIS A 20 -13.97 -6.60 27.46
C HIS A 20 -13.59 -5.75 26.28
N ALA A 21 -14.56 -5.12 25.64
CA ALA A 21 -14.28 -4.28 24.49
C ALA A 21 -13.18 -3.30 24.90
N GLY A 22 -13.35 -2.70 26.07
CA GLY A 22 -12.38 -1.74 26.55
C GLY A 22 -10.95 -2.24 26.60
N GLU A 23 -10.75 -3.45 27.13
CA GLU A 23 -9.42 -4.01 27.25
C GLU A 23 -8.86 -4.57 25.94
N TYR A 24 -9.74 -5.04 25.05
CA TYR A 24 -9.30 -5.57 23.77
C TYR A 24 -8.78 -4.44 22.89
N GLY A 25 -9.33 -3.24 23.10
CA GLY A 25 -8.91 -2.08 22.34
C GLY A 25 -7.51 -1.62 22.70
N ALA A 26 -7.16 -1.70 23.99
CA ALA A 26 -5.83 -1.29 24.43
C ALA A 26 -4.81 -2.30 23.94
N GLU A 27 -5.25 -3.55 23.82
CA GLU A 27 -4.40 -4.65 23.38
C GLU A 27 -4.11 -4.54 21.88
N ALA A 28 -5.13 -4.24 21.09
CA ALA A 28 -4.94 -4.09 19.66
C ALA A 28 -3.95 -2.97 19.42
N LEU A 29 -4.08 -1.87 20.17
CA LEU A 29 -3.16 -0.74 20.03
C LEU A 29 -1.73 -1.10 20.37
N GLU A 30 -1.53 -1.77 21.49
CA GLU A 30 -0.20 -2.20 21.92
C GLU A 30 0.45 -3.14 20.89
N ARG A 31 -0.32 -4.12 20.41
CA ARG A 31 0.19 -5.07 19.43
C ARG A 31 0.65 -4.30 18.21
N MET A 32 -0.13 -3.30 17.82
CA MET A 32 0.17 -2.48 16.66
C MET A 32 1.43 -1.69 16.86
N PHE A 33 1.55 -1.01 18.01
CA PHE A 33 2.74 -0.22 18.29
C PHE A 33 3.98 -1.08 18.30
N LEU A 34 3.79 -2.35 18.64
CA LEU A 34 4.88 -3.32 18.68
C LEU A 34 5.21 -4.01 17.35
N SER A 35 4.21 -4.34 16.54
CA SER A 35 4.45 -5.01 15.25
C SER A 35 4.77 -4.02 14.14
N PHE A 36 4.08 -2.88 14.17
CA PHE A 36 4.24 -1.84 13.17
C PHE A 36 4.58 -0.51 13.83
N PRO A 37 5.82 -0.39 14.32
CA PRO A 37 6.33 0.80 15.00
C PRO A 37 6.18 2.12 14.28
N THR A 38 6.10 2.11 12.96
CA THR A 38 5.95 3.37 12.24
C THR A 38 4.67 4.08 12.64
N THR A 39 3.71 3.35 13.18
CA THR A 39 2.44 3.92 13.59
C THR A 39 2.61 4.86 14.78
N LYS A 40 3.68 4.64 15.55
CA LYS A 40 3.98 5.44 16.73
C LYS A 40 4.22 6.92 16.47
N THR A 41 4.49 7.27 15.21
CA THR A 41 4.76 8.64 14.81
C THR A 41 3.50 9.53 14.94
N TYR A 42 2.34 8.87 14.99
CA TYR A 42 1.06 9.56 15.15
C TYR A 42 0.71 9.74 16.63
N PHE A 43 1.53 9.17 17.50
CA PHE A 43 1.30 9.28 18.94
C PHE A 43 2.62 9.61 19.62
N PRO A 44 3.28 10.72 19.25
CA PRO A 44 4.56 11.15 19.81
C PRO A 44 4.50 11.69 21.23
N HIS A 45 3.28 12.02 21.64
CA HIS A 45 2.96 12.60 22.92
C HIS A 45 2.53 11.60 24.00
N PHE A 46 2.18 10.39 23.57
CA PHE A 46 1.72 9.35 24.47
C PHE A 46 2.79 8.61 25.21
N ASP A 47 2.33 7.88 26.23
CA ASP A 47 3.17 7.01 27.04
C ASP A 47 2.83 5.63 26.48
N LEU A 48 3.71 5.10 25.64
CA LEU A 48 3.45 3.80 25.02
C LEU A 48 4.11 2.63 25.76
N SER A 49 4.46 2.83 27.03
CA SER A 49 5.08 1.77 27.81
C SER A 49 4.01 0.72 28.03
N HIS A 50 4.41 -0.54 28.23
CA HIS A 50 3.39 -1.58 28.42
C HIS A 50 2.47 -1.27 29.59
N GLY A 51 1.19 -1.59 29.43
CA GLY A 51 0.22 -1.36 30.48
C GLY A 51 0.03 0.09 30.84
N SER A 52 0.52 0.98 29.99
CA SER A 52 0.40 2.43 30.17
C SER A 52 -1.03 2.81 30.55
N ALA A 53 -1.18 3.93 31.27
CA ALA A 53 -2.51 4.40 31.66
C ALA A 53 -3.19 5.19 30.52
N GLN A 54 -2.37 5.88 29.72
CA GLN A 54 -2.84 6.68 28.60
C GLN A 54 -3.37 5.76 27.47
N VAL A 55 -2.72 4.61 27.30
CA VAL A 55 -3.10 3.61 26.31
C VAL A 55 -4.40 2.89 26.71
N LYS A 56 -4.58 2.63 28.01
CA LYS A 56 -5.79 1.98 28.50
C LYS A 56 -6.97 2.88 28.16
N GLY A 57 -6.74 4.18 28.32
CA GLY A 57 -7.78 5.15 28.04
C GLY A 57 -8.17 5.23 26.58
N HIS A 58 -7.20 5.44 25.70
CA HIS A 58 -7.46 5.53 24.27
C HIS A 58 -8.09 4.23 23.73
N GLY A 59 -7.65 3.10 24.26
CA GLY A 59 -8.19 1.82 23.83
C GLY A 59 -9.68 1.77 24.08
N LYS A 60 -10.11 2.27 25.23
CA LYS A 60 -11.53 2.27 25.55
C LYS A 60 -12.32 3.18 24.60
N LYS A 61 -11.74 4.32 24.25
CA LYS A 61 -12.38 5.24 23.34
C LYS A 61 -12.47 4.65 21.95
N VAL A 62 -11.45 3.88 21.58
CA VAL A 62 -11.42 3.23 20.28
C VAL A 62 -12.46 2.14 20.27
N ALA A 63 -12.64 1.50 21.41
CA ALA A 63 -13.61 0.41 21.57
C ALA A 63 -15.06 0.90 21.48
N ASP A 64 -15.31 2.04 22.12
CA ASP A 64 -16.62 2.69 22.15
C ASP A 64 -17.03 3.06 20.72
N ALA A 65 -16.05 3.36 19.89
CA ALA A 65 -16.31 3.75 18.52
C ALA A 65 -16.73 2.57 17.68
N LEU A 66 -16.16 1.40 17.95
CA LEU A 66 -16.51 0.20 17.20
C LEU A 66 -17.92 -0.25 17.58
N THR A 67 -18.29 0.00 18.83
CA THR A 67 -19.61 -0.33 19.36
C THR A 67 -20.64 0.56 18.68
N ASN A 68 -20.25 1.82 18.50
CA ASN A 68 -21.08 2.83 17.83
C ASN A 68 -21.28 2.31 16.40
N ALA A 69 -20.18 1.91 15.75
CA ALA A 69 -20.17 1.38 14.37
C ALA A 69 -21.00 0.11 14.23
N VAL A 70 -20.85 -0.77 15.21
CA VAL A 70 -21.57 -2.04 15.20
C VAL A 70 -23.03 -1.81 15.43
N ALA A 71 -23.35 -0.80 16.25
CA ALA A 71 -24.72 -0.46 16.57
C ALA A 71 -25.42 0.33 15.44
N HIS A 72 -24.65 1.04 14.63
CA HIS A 72 -25.23 1.79 13.50
C HIS A 72 -24.66 1.25 12.18
N VAL A 73 -24.51 -0.07 12.11
CA VAL A 73 -23.94 -0.74 10.94
C VAL A 73 -24.56 -0.40 9.59
N ASP A 74 -25.80 0.07 9.60
CA ASP A 74 -26.50 0.42 8.37
C ASP A 74 -26.21 1.82 7.86
N ASP A 75 -25.65 2.66 8.72
CA ASP A 75 -25.24 4.00 8.32
C ASP A 75 -23.98 4.42 9.05
N MET A 76 -22.93 3.70 8.68
CA MET A 76 -21.59 3.86 9.18
C MET A 76 -21.12 5.31 8.98
N PRO A 77 -21.15 5.80 7.72
CA PRO A 77 -20.71 7.18 7.44
C PRO A 77 -21.31 8.27 8.33
N ASN A 78 -22.59 8.11 8.65
CA ASN A 78 -23.35 9.04 9.48
C ASN A 78 -22.77 9.06 10.90
N ALA A 79 -22.91 7.94 11.60
CA ALA A 79 -22.45 7.79 12.96
C ALA A 79 -20.96 8.07 13.21
N LEU A 80 -20.14 7.93 12.18
CA LEU A 80 -18.70 8.15 12.33
C LEU A 80 -18.19 9.42 11.69
N SER A 81 -19.08 10.33 11.33
CA SER A 81 -18.66 11.59 10.68
C SER A 81 -17.54 12.33 11.39
N ALA A 82 -17.73 12.62 12.68
CA ALA A 82 -16.73 13.34 13.47
C ALA A 82 -15.42 12.61 13.48
N LEU A 83 -15.50 11.30 13.63
CA LEU A 83 -14.30 10.50 13.67
C LEU A 83 -13.55 10.61 12.38
N SER A 84 -14.28 10.80 11.27
CA SER A 84 -13.69 10.97 9.95
C SER A 84 -12.97 12.31 9.80
N ASP A 85 -13.63 13.40 10.19
CA ASP A 85 -13.03 14.74 10.10
C ASP A 85 -11.72 14.77 10.87
N LEU A 86 -11.70 14.04 11.98
CA LEU A 86 -10.53 14.02 12.81
C LEU A 86 -9.36 13.34 12.13
N HIS A 87 -9.50 12.07 11.77
CA HIS A 87 -8.38 11.35 11.17
C HIS A 87 -7.94 11.83 9.80
N ALA A 88 -8.88 12.35 9.02
CA ALA A 88 -8.57 12.85 7.68
C ALA A 88 -8.08 14.29 7.69
N HIS A 89 -8.89 15.18 8.25
CA HIS A 89 -8.58 16.61 8.29
C HIS A 89 -7.64 17.08 9.39
N LYS A 90 -7.95 16.78 10.65
CA LYS A 90 -7.05 17.24 11.70
C LYS A 90 -5.78 16.41 11.77
N LEU A 91 -5.91 15.14 12.11
CA LEU A 91 -4.77 14.25 12.24
C LEU A 91 -3.98 13.99 10.95
N ARG A 92 -4.67 13.74 9.84
CA ARG A 92 -4.01 13.50 8.56
C ARG A 92 -3.27 12.16 8.52
N VAL A 93 -3.98 11.10 8.88
CA VAL A 93 -3.45 9.74 8.92
C VAL A 93 -3.48 8.99 7.58
N ASP A 94 -2.32 8.56 7.10
CA ASP A 94 -2.24 7.83 5.84
C ASP A 94 -3.07 6.57 5.92
N PRO A 95 -3.98 6.34 4.95
CA PRO A 95 -4.91 5.20 4.84
C PRO A 95 -4.32 3.82 5.08
N VAL A 96 -3.02 3.68 4.82
CA VAL A 96 -2.33 2.42 4.97
C VAL A 96 -2.20 1.94 6.41
N ASN A 97 -2.34 2.86 7.36
CA ASN A 97 -2.23 2.50 8.76
C ASN A 97 -3.52 1.89 9.31
N PHE A 98 -4.64 2.13 8.63
CA PHE A 98 -5.91 1.58 9.07
C PHE A 98 -5.91 0.08 8.89
N LYS A 99 -5.13 -0.40 7.92
CA LYS A 99 -5.00 -1.83 7.63
C LYS A 99 -4.18 -2.51 8.71
N LEU A 100 -3.27 -1.76 9.34
CA LEU A 100 -2.43 -2.30 10.38
C LEU A 100 -3.21 -2.43 11.67
N LEU A 101 -4.04 -1.43 11.97
CA LEU A 101 -4.83 -1.47 13.19
C LEU A 101 -5.85 -2.58 13.11
N SER A 102 -6.68 -2.55 12.06
CA SER A 102 -7.71 -3.57 11.82
C SER A 102 -7.13 -4.96 12.05
N HIS A 103 -5.96 -5.19 11.46
CA HIS A 103 -5.24 -6.46 11.57
C HIS A 103 -4.99 -6.86 13.02
N CYS A 104 -4.55 -5.90 13.83
CA CYS A 104 -4.25 -6.15 15.24
C CYS A 104 -5.50 -6.29 16.07
N LEU A 105 -6.61 -5.84 15.48
CA LEU A 105 -7.91 -5.93 16.13
C LEU A 105 -8.39 -7.37 15.95
N LEU A 106 -8.31 -7.89 14.72
CA LEU A 106 -8.70 -9.28 14.40
C LEU A 106 -7.83 -10.29 15.15
N VAL A 107 -6.54 -9.99 15.27
CA VAL A 107 -5.62 -10.88 16.00
C VAL A 107 -6.04 -10.97 17.47
N THR A 108 -6.45 -9.83 18.04
CA THR A 108 -6.90 -9.74 19.42
C THR A 108 -8.18 -10.52 19.61
N LEU A 109 -9.12 -10.36 18.70
CA LEU A 109 -10.40 -11.06 18.77
C LEU A 109 -10.17 -12.54 18.67
N ALA A 110 -9.34 -12.95 17.70
CA ALA A 110 -9.03 -14.36 17.47
C ALA A 110 -8.46 -15.02 18.71
N ALA A 111 -7.52 -14.35 19.36
CA ALA A 111 -6.89 -14.91 20.56
C ALA A 111 -7.83 -14.97 21.77
N HIS A 112 -8.92 -14.21 21.72
CA HIS A 112 -9.89 -14.20 22.83
C HIS A 112 -11.21 -14.94 22.61
N LEU A 113 -11.56 -15.26 21.36
CA LEU A 113 -12.83 -15.94 21.07
C LEU A 113 -12.55 -17.30 20.45
N PRO A 114 -11.99 -18.23 21.23
CA PRO A 114 -11.67 -19.57 20.71
C PRO A 114 -12.79 -20.24 19.96
N ALA A 115 -13.95 -20.32 20.56
CA ALA A 115 -15.06 -21.00 19.92
C ALA A 115 -15.69 -20.23 18.77
N GLU A 116 -15.79 -18.91 18.92
CA GLU A 116 -16.42 -18.06 17.93
C GLU A 116 -15.67 -17.72 16.65
N PHE A 117 -14.35 -17.65 16.69
CA PHE A 117 -13.57 -17.28 15.51
C PHE A 117 -13.54 -18.31 14.38
N THR A 118 -14.72 -18.52 13.81
CA THR A 118 -14.89 -19.44 12.71
C THR A 118 -14.38 -18.74 11.45
N PRO A 119 -14.16 -19.51 10.36
CA PRO A 119 -13.66 -18.84 9.16
C PRO A 119 -14.71 -17.89 8.63
N ALA A 120 -15.98 -18.26 8.76
CA ALA A 120 -17.08 -17.43 8.29
C ALA A 120 -17.16 -16.11 9.06
N VAL A 121 -16.97 -16.18 10.39
CA VAL A 121 -16.98 -15.00 11.26
C VAL A 121 -15.73 -14.14 11.01
N HIS A 122 -14.61 -14.82 10.75
CA HIS A 122 -13.34 -14.16 10.46
C HIS A 122 -13.52 -13.33 9.20
N ALA A 123 -14.21 -13.90 8.22
CA ALA A 123 -14.47 -13.23 6.94
C ALA A 123 -15.42 -12.05 7.08
N SER A 124 -16.47 -12.22 7.87
CA SER A 124 -17.45 -11.14 8.08
C SER A 124 -16.89 -9.98 8.91
N LEU A 125 -15.95 -10.29 9.80
CA LEU A 125 -15.32 -9.28 10.63
C LEU A 125 -14.34 -8.46 9.83
N ASP A 126 -13.56 -9.15 8.98
CA ASP A 126 -12.57 -8.47 8.15
C ASP A 126 -13.24 -7.47 7.20
N LYS A 127 -14.46 -7.75 6.75
CA LYS A 127 -15.16 -6.80 5.86
C LYS A 127 -15.63 -5.58 6.66
N PHE A 128 -16.24 -5.82 7.82
CA PHE A 128 -16.70 -4.72 8.67
C PHE A 128 -15.55 -3.76 8.95
N LEU A 129 -14.46 -4.28 9.50
CA LEU A 129 -13.30 -3.46 9.79
C LEU A 129 -12.79 -2.73 8.54
N ALA A 130 -12.96 -3.33 7.38
CA ALA A 130 -12.53 -2.68 6.17
C ALA A 130 -13.51 -1.55 5.82
N SER A 131 -14.77 -1.67 6.23
CA SER A 131 -15.79 -0.63 5.96
C SER A 131 -15.52 0.56 6.86
N VAL A 132 -15.34 0.28 8.15
CA VAL A 132 -15.04 1.32 9.13
C VAL A 132 -13.85 2.17 8.61
N SER A 133 -12.80 1.50 8.12
CA SER A 133 -11.63 2.17 7.60
C SER A 133 -11.97 3.06 6.40
N THR A 134 -12.70 2.49 5.46
CA THR A 134 -13.09 3.25 4.28
C THR A 134 -13.80 4.55 4.71
N VAL A 135 -14.70 4.42 5.68
CA VAL A 135 -15.44 5.57 6.18
C VAL A 135 -14.54 6.61 6.83
N LEU A 136 -13.56 6.18 7.63
CA LEU A 136 -12.69 7.16 8.29
C LEU A 136 -11.59 7.63 7.34
N THR A 137 -11.54 7.01 6.17
CA THR A 137 -10.53 7.37 5.20
C THR A 137 -11.14 8.00 3.95
N SER A 138 -12.44 8.25 4.01
CA SER A 138 -13.21 8.83 2.89
C SER A 138 -12.88 10.27 2.47
N LYS A 139 -13.11 11.20 3.39
CA LYS A 139 -12.89 12.62 3.12
C LYS A 139 -11.44 13.11 3.12
N TYR A 140 -10.52 12.36 2.50
CA TYR A 140 -9.11 12.79 2.42
C TYR A 140 -8.97 13.72 1.21
N ARG A 141 -7.89 13.59 0.45
CA ARG A 141 -7.74 14.44 -0.72
C ARG A 141 -8.83 13.99 -1.70
N GLY A 142 -9.94 14.72 -1.67
CA GLY A 142 -11.05 14.38 -2.52
C GLY A 142 -11.60 15.57 -3.27
N VAL A 143 -12.72 15.32 -3.95
CA VAL A 143 -13.47 16.28 -4.76
C VAL A 143 -12.73 17.05 -5.83
N LEU A 144 -13.25 16.96 -7.03
CA LEU A 144 -12.68 17.69 -8.14
C LEU A 144 -13.35 19.05 -8.11
N SER A 145 -12.65 20.05 -7.58
CA SER A 145 -13.20 21.40 -7.53
C SER A 145 -13.25 22.00 -8.94
N PRO A 146 -14.13 22.98 -9.16
CA PRO A 146 -14.24 23.61 -10.48
C PRO A 146 -12.92 24.06 -11.12
N ALA A 147 -11.90 24.35 -10.31
CA ALA A 147 -10.60 24.79 -10.83
C ALA A 147 -9.86 23.59 -11.42
N ASP A 148 -10.00 22.44 -10.77
CA ASP A 148 -9.37 21.20 -11.24
C ASP A 148 -10.06 20.81 -12.56
N LYS A 149 -11.40 20.90 -12.57
CA LYS A 149 -12.22 20.58 -13.75
C LYS A 149 -11.65 21.28 -14.99
N THR A 150 -11.31 22.55 -14.84
CA THR A 150 -10.73 23.32 -15.93
C THR A 150 -9.39 22.71 -16.31
N ASN A 151 -8.48 22.64 -15.33
CA ASN A 151 -7.15 22.09 -15.52
C ASN A 151 -7.11 20.77 -16.28
N VAL A 152 -7.91 19.82 -15.83
CA VAL A 152 -7.98 18.51 -16.45
C VAL A 152 -8.41 18.63 -17.92
N LYS A 153 -9.32 19.56 -18.22
CA LYS A 153 -9.79 19.78 -19.60
C LYS A 153 -8.80 20.61 -20.41
N ALA A 154 -8.22 21.61 -19.77
CA ALA A 154 -7.26 22.49 -20.43
C ALA A 154 -5.97 21.74 -20.71
N ALA A 155 -5.84 20.56 -20.12
CA ALA A 155 -4.65 19.75 -20.31
C ALA A 155 -4.96 18.58 -21.18
N TRP A 156 -6.06 17.90 -20.90
CA TRP A 156 -6.42 16.73 -21.69
C TRP A 156 -6.74 17.17 -23.10
N GLY A 157 -7.30 18.37 -23.20
CA GLY A 157 -7.63 18.90 -24.51
C GLY A 157 -6.35 19.04 -25.31
N LYS A 158 -5.30 19.50 -24.64
CA LYS A 158 -4.01 19.70 -25.28
C LYS A 158 -3.30 18.39 -25.60
N VAL A 159 -3.98 17.28 -25.36
CA VAL A 159 -3.42 15.98 -25.71
C VAL A 159 -3.92 15.77 -27.12
N GLY A 160 -5.24 15.61 -27.25
CA GLY A 160 -5.88 15.43 -28.55
C GLY A 160 -5.83 14.05 -29.19
N ALA A 161 -5.24 14.00 -30.39
CA ALA A 161 -5.11 12.75 -31.16
C ALA A 161 -3.83 12.02 -30.75
N HIS A 162 -3.19 12.53 -29.70
CA HIS A 162 -1.99 11.94 -29.17
C HIS A 162 -2.33 11.21 -27.88
N ALA A 163 -3.62 11.02 -27.65
CA ALA A 163 -4.12 10.32 -26.46
C ALA A 163 -3.78 8.85 -26.52
N GLY A 164 -4.19 8.19 -27.61
CA GLY A 164 -3.90 6.77 -27.79
C GLY A 164 -2.40 6.55 -27.83
N GLU A 165 -1.68 7.56 -28.30
CA GLU A 165 -0.23 7.51 -28.37
C GLU A 165 0.39 7.54 -26.96
N TYR A 166 -0.19 8.40 -26.10
CA TYR A 166 0.27 8.56 -24.72
C TYR A 166 -0.15 7.42 -23.80
N GLY A 167 -1.37 6.92 -23.97
CA GLY A 167 -1.86 5.82 -23.15
C GLY A 167 -1.02 4.56 -23.34
N ALA A 168 -0.44 4.39 -24.53
CA ALA A 168 0.40 3.25 -24.85
C ALA A 168 1.75 3.44 -24.19
N GLU A 169 2.19 4.69 -24.15
CA GLU A 169 3.47 5.06 -23.53
C GLU A 169 3.36 5.01 -22.00
N ALA A 170 2.13 5.13 -21.50
CA ALA A 170 1.89 5.06 -20.06
C ALA A 170 2.02 3.60 -19.66
N LEU A 171 1.40 2.73 -20.45
CA LEU A 171 1.42 1.30 -20.20
C LEU A 171 2.83 0.71 -20.21
N GLU A 172 3.66 1.13 -21.16
CA GLU A 172 5.04 0.65 -21.28
C GLU A 172 5.90 1.12 -20.12
N ARG A 173 5.70 2.38 -19.72
CA ARG A 173 6.46 2.93 -18.62
C ARG A 173 6.15 2.21 -17.33
N MET A 174 4.90 1.75 -17.21
CA MET A 174 4.45 1.00 -16.05
C MET A 174 5.04 -0.40 -16.04
N PHE A 175 4.94 -1.08 -17.18
CA PHE A 175 5.48 -2.45 -17.31
C PHE A 175 6.97 -2.51 -17.05
N LEU A 176 7.70 -1.50 -17.50
CA LEU A 176 9.14 -1.47 -17.34
C LEU A 176 9.53 -1.10 -15.91
N SER A 177 8.89 -0.05 -15.39
CA SER A 177 9.17 0.45 -14.05
C SER A 177 8.63 -0.49 -12.96
N PHE A 178 7.41 -1.00 -13.17
CA PHE A 178 6.76 -1.91 -12.23
C PHE A 178 6.42 -3.22 -12.90
N PRO A 179 7.39 -4.13 -12.93
CA PRO A 179 7.33 -5.48 -13.52
C PRO A 179 6.18 -6.37 -13.03
N THR A 180 5.83 -6.24 -11.76
CA THR A 180 4.78 -7.06 -11.21
C THR A 180 3.43 -6.85 -11.86
N THR A 181 3.26 -5.71 -12.54
CA THR A 181 1.98 -5.42 -13.20
C THR A 181 1.74 -6.31 -14.42
N LYS A 182 2.80 -6.91 -14.94
CA LYS A 182 2.68 -7.78 -16.10
C LYS A 182 1.95 -9.05 -15.73
N THR A 183 1.75 -9.29 -14.44
CA THR A 183 1.03 -10.48 -14.00
C THR A 183 -0.45 -10.43 -14.42
N TYR A 184 -0.89 -9.29 -14.96
CA TYR A 184 -2.27 -9.10 -15.42
C TYR A 184 -2.43 -9.20 -16.95
N PHE A 185 -1.29 -9.16 -17.66
CA PHE A 185 -1.24 -9.27 -19.14
C PHE A 185 -0.13 -10.31 -19.46
N PRO A 186 -0.32 -11.57 -19.04
CA PRO A 186 0.66 -12.63 -19.26
C PRO A 186 0.74 -13.23 -20.64
N HIS A 187 -0.36 -13.11 -21.39
CA HIS A 187 -0.44 -13.66 -22.74
C HIS A 187 -0.14 -12.62 -23.80
N PHE A 188 0.00 -11.37 -23.37
CA PHE A 188 0.29 -10.28 -24.29
C PHE A 188 1.75 -10.24 -24.62
N ASP A 189 2.03 -9.57 -25.73
CA ASP A 189 3.39 -9.33 -26.18
C ASP A 189 3.54 -7.93 -25.61
N LEU A 190 4.17 -7.84 -24.44
CA LEU A 190 4.36 -6.55 -23.79
C LEU A 190 5.58 -5.84 -24.32
N SER A 191 6.18 -6.43 -25.36
CA SER A 191 7.38 -5.87 -25.98
C SER A 191 7.15 -4.48 -26.53
N HIS A 192 8.22 -3.70 -26.54
CA HIS A 192 8.19 -2.33 -27.02
C HIS A 192 7.62 -2.22 -28.43
N GLY A 193 6.61 -1.36 -28.58
CA GLY A 193 5.99 -1.15 -29.86
C GLY A 193 5.11 -2.27 -30.38
N SER A 194 4.66 -3.14 -29.48
CA SER A 194 3.79 -4.25 -29.90
C SER A 194 2.43 -3.67 -30.27
N ALA A 195 1.65 -4.43 -31.03
CA ALA A 195 0.33 -3.97 -31.46
C ALA A 195 -0.70 -4.18 -30.39
N GLN A 196 -0.40 -5.09 -29.46
CA GLN A 196 -1.30 -5.40 -28.37
C GLN A 196 -1.34 -4.20 -27.43
N VAL A 197 -0.15 -3.70 -27.06
CA VAL A 197 0.01 -2.55 -26.17
C VAL A 197 -0.51 -1.27 -26.81
N LYS A 198 -0.35 -1.14 -28.11
CA LYS A 198 -0.82 0.04 -28.83
C LYS A 198 -2.32 -0.05 -28.99
N GLY A 199 -2.81 -1.25 -29.30
CA GLY A 199 -4.23 -1.45 -29.48
C GLY A 199 -4.97 -1.31 -28.17
N HIS A 200 -4.28 -1.62 -27.08
CA HIS A 200 -4.87 -1.55 -25.75
C HIS A 200 -4.70 -0.13 -25.22
N GLY A 201 -3.55 0.47 -25.52
CA GLY A 201 -3.26 1.81 -25.07
C GLY A 201 -4.25 2.85 -25.53
N LYS A 202 -4.86 2.64 -26.69
CA LYS A 202 -5.83 3.60 -27.21
C LYS A 202 -7.16 3.46 -26.48
N LYS A 203 -7.45 2.27 -25.98
CA LYS A 203 -8.69 2.03 -25.26
C LYS A 203 -8.69 2.73 -23.88
N VAL A 204 -7.55 2.70 -23.21
CA VAL A 204 -7.36 3.32 -21.90
C VAL A 204 -7.62 4.82 -22.01
N ALA A 205 -6.96 5.47 -22.97
CA ALA A 205 -7.08 6.90 -23.20
C ALA A 205 -8.46 7.29 -23.74
N ASP A 206 -9.17 6.32 -24.31
CA ASP A 206 -10.50 6.56 -24.84
C ASP A 206 -11.46 6.61 -23.65
N ALA A 207 -11.21 5.74 -22.68
CA ALA A 207 -12.01 5.70 -21.46
C ALA A 207 -11.65 6.93 -20.59
N LEU A 208 -10.41 7.40 -20.70
CA LEU A 208 -9.98 8.58 -19.94
C LEU A 208 -10.54 9.86 -20.54
N THR A 209 -10.71 9.86 -21.86
CA THR A 209 -11.26 10.99 -22.59
C THR A 209 -12.73 11.09 -22.16
N ASN A 210 -13.38 9.94 -22.13
CA ASN A 210 -14.78 9.81 -21.75
C ASN A 210 -14.99 10.22 -20.29
N ALA A 211 -14.01 9.93 -19.43
CA ALA A 211 -14.11 10.26 -18.01
C ALA A 211 -14.04 11.78 -17.83
N VAL A 212 -13.23 12.42 -18.67
CA VAL A 212 -13.09 13.87 -18.62
C VAL A 212 -14.41 14.49 -19.10
N ALA A 213 -14.91 14.00 -20.23
CA ALA A 213 -16.18 14.48 -20.80
C ALA A 213 -17.30 14.39 -19.75
N HIS A 214 -17.31 13.28 -19.01
CA HIS A 214 -18.29 13.04 -17.96
C HIS A 214 -17.62 13.14 -16.61
N VAL A 215 -16.83 14.19 -16.42
CA VAL A 215 -16.10 14.41 -15.18
C VAL A 215 -16.98 14.51 -13.94
N ASP A 216 -18.20 15.01 -14.11
CA ASP A 216 -19.09 15.15 -12.97
C ASP A 216 -19.94 13.91 -12.64
N ASP A 217 -19.81 12.87 -13.45
CA ASP A 217 -20.58 11.65 -13.23
C ASP A 217 -19.85 10.41 -13.75
N MET A 218 -18.62 10.25 -13.30
CA MET A 218 -17.80 9.10 -13.68
C MET A 218 -18.39 7.79 -13.18
N PRO A 219 -19.00 7.78 -11.98
CA PRO A 219 -19.61 6.56 -11.43
C PRO A 219 -20.58 5.82 -12.38
N ASN A 220 -21.34 6.58 -13.19
CA ASN A 220 -22.28 5.99 -14.15
C ASN A 220 -21.48 5.62 -15.38
N ALA A 221 -20.75 6.60 -15.91
CA ALA A 221 -19.92 6.44 -17.10
C ALA A 221 -19.03 5.19 -17.08
N LEU A 222 -18.29 5.02 -15.99
CA LEU A 222 -17.35 3.91 -15.83
C LEU A 222 -17.92 2.64 -15.18
N SER A 223 -19.24 2.56 -15.01
CA SER A 223 -19.89 1.41 -14.37
C SER A 223 -19.45 0.03 -14.86
N ALA A 224 -19.51 -0.20 -16.16
CA ALA A 224 -19.10 -1.49 -16.73
C ALA A 224 -17.60 -1.68 -16.79
N LEU A 225 -16.86 -0.60 -16.61
CA LEU A 225 -15.40 -0.65 -16.64
C LEU A 225 -14.92 -1.04 -15.24
N SER A 226 -15.69 -0.64 -14.23
CA SER A 226 -15.38 -0.93 -12.84
C SER A 226 -15.75 -2.37 -12.51
N ASP A 227 -16.71 -2.91 -13.26
CA ASP A 227 -17.15 -4.30 -13.08
C ASP A 227 -16.07 -5.21 -13.67
N LEU A 228 -15.51 -4.78 -14.80
CA LEU A 228 -14.46 -5.52 -15.49
C LEU A 228 -13.28 -5.69 -14.53
N HIS A 229 -12.71 -4.57 -14.09
CA HIS A 229 -11.57 -4.62 -13.19
C HIS A 229 -11.84 -5.19 -11.81
N ALA A 230 -12.72 -4.54 -11.04
CA ALA A 230 -13.00 -4.97 -9.69
C ALA A 230 -13.62 -6.34 -9.53
N HIS A 231 -14.37 -6.80 -10.53
CA HIS A 231 -15.02 -8.11 -10.44
C HIS A 231 -14.53 -9.20 -11.39
N LYS A 232 -14.50 -8.92 -12.69
CA LYS A 232 -14.06 -9.92 -13.67
C LYS A 232 -12.56 -10.18 -13.61
N LEU A 233 -11.79 -9.20 -13.13
CA LEU A 233 -10.34 -9.38 -13.10
C LEU A 233 -9.73 -9.36 -11.72
N ARG A 234 -10.32 -8.60 -10.80
CA ARG A 234 -9.79 -8.46 -9.44
C ARG A 234 -8.37 -7.87 -9.38
N VAL A 235 -8.20 -6.71 -9.99
CA VAL A 235 -6.92 -6.03 -10.02
C VAL A 235 -6.68 -5.37 -8.68
N ASP A 236 -5.53 -5.66 -8.09
CA ASP A 236 -5.20 -5.07 -6.81
C ASP A 236 -5.13 -3.55 -6.95
N PRO A 237 -5.83 -2.84 -6.07
CA PRO A 237 -5.95 -1.38 -5.98
C PRO A 237 -4.68 -0.59 -6.12
N VAL A 238 -3.61 -1.09 -5.49
CA VAL A 238 -2.33 -0.38 -5.53
C VAL A 238 -1.79 -0.27 -6.95
N ASN A 239 -2.18 -1.21 -7.81
CA ASN A 239 -1.74 -1.20 -9.19
C ASN A 239 -2.21 0.05 -9.90
N PHE A 240 -3.39 0.52 -9.53
CA PHE A 240 -3.96 1.73 -10.13
C PHE A 240 -3.13 3.00 -9.86
N LYS A 241 -2.41 3.03 -8.74
CA LYS A 241 -1.57 4.19 -8.42
C LYS A 241 -0.30 4.12 -9.28
N LEU A 242 -0.02 2.91 -9.77
CA LEU A 242 1.13 2.70 -10.62
C LEU A 242 0.75 3.22 -12.01
N LEU A 243 -0.42 2.83 -12.53
CA LEU A 243 -0.80 3.32 -13.84
C LEU A 243 -0.93 4.84 -13.86
N SER A 244 -1.35 5.40 -12.73
CA SER A 244 -1.54 6.83 -12.58
C SER A 244 -0.24 7.62 -12.59
N HIS A 245 0.76 7.12 -11.88
CA HIS A 245 2.06 7.78 -11.83
C HIS A 245 2.65 7.84 -13.24
N CYS A 246 2.57 6.72 -13.97
CA CYS A 246 3.09 6.65 -15.33
C CYS A 246 2.40 7.58 -16.33
N LEU A 247 1.10 7.80 -16.17
CA LEU A 247 0.38 8.71 -17.06
C LEU A 247 0.87 10.13 -16.79
N LEU A 248 1.18 10.42 -15.53
CA LEU A 248 1.68 11.76 -15.15
C LEU A 248 3.06 12.04 -15.71
N VAL A 249 3.93 11.04 -15.71
CA VAL A 249 5.28 11.19 -16.24
C VAL A 249 5.23 11.42 -17.76
N THR A 250 4.34 10.69 -18.42
CA THR A 250 4.18 10.79 -19.87
C THR A 250 3.63 12.16 -20.23
N LEU A 251 2.54 12.51 -19.57
CA LEU A 251 1.88 13.79 -19.74
C LEU A 251 2.89 14.91 -19.52
N ALA A 252 3.68 14.79 -18.44
CA ALA A 252 4.68 15.78 -18.07
C ALA A 252 5.92 15.83 -18.97
N ALA A 253 6.15 14.75 -19.71
CA ALA A 253 7.31 14.71 -20.59
C ALA A 253 6.96 15.32 -21.94
N HIS A 254 5.67 15.27 -22.27
CA HIS A 254 5.18 15.79 -23.53
C HIS A 254 4.59 17.21 -23.52
N LEU A 255 4.00 17.62 -22.39
CA LEU A 255 3.39 18.94 -22.22
C LEU A 255 3.98 19.67 -21.03
N PRO A 256 5.29 19.97 -21.07
CA PRO A 256 6.04 20.66 -20.01
C PRO A 256 5.54 22.03 -19.54
N ALA A 257 5.49 23.01 -20.44
CA ALA A 257 5.05 24.36 -20.11
C ALA A 257 3.62 24.32 -19.56
N GLU A 258 2.91 23.26 -19.91
CA GLU A 258 1.56 23.10 -19.45
C GLU A 258 1.49 22.32 -18.15
N PHE A 259 2.57 21.65 -17.79
CA PHE A 259 2.62 20.87 -16.56
C PHE A 259 3.09 21.70 -15.36
N THR A 260 2.27 22.68 -14.97
CA THR A 260 2.57 23.55 -13.85
C THR A 260 2.12 22.85 -12.58
N PRO A 261 2.56 23.34 -11.40
CA PRO A 261 2.17 22.73 -10.12
C PRO A 261 0.65 22.63 -10.04
N ALA A 262 -0.02 23.71 -10.41
CA ALA A 262 -1.47 23.73 -10.35
C ALA A 262 -2.08 22.65 -11.23
N VAL A 263 -1.56 22.49 -12.45
CA VAL A 263 -2.07 21.50 -13.39
C VAL A 263 -1.79 20.10 -12.90
N HIS A 264 -0.57 19.93 -12.40
CA HIS A 264 -0.09 18.67 -11.84
C HIS A 264 -1.12 18.22 -10.80
N ALA A 265 -1.16 18.93 -9.68
CA ALA A 265 -2.09 18.61 -8.58
C ALA A 265 -3.51 18.17 -8.98
N SER A 266 -4.08 18.82 -10.00
CA SER A 266 -5.43 18.55 -10.48
C SER A 266 -5.56 17.25 -11.26
N LEU A 267 -4.53 16.93 -12.02
CA LEU A 267 -4.56 15.69 -12.79
C LEU A 267 -4.39 14.54 -11.81
N ASP A 268 -3.59 14.77 -10.77
CA ASP A 268 -3.35 13.76 -9.74
C ASP A 268 -4.66 13.48 -9.00
N LYS A 269 -5.44 14.53 -8.76
CA LYS A 269 -6.73 14.41 -8.08
C LYS A 269 -7.76 13.72 -8.97
N PHE A 270 -7.71 14.01 -10.26
CA PHE A 270 -8.64 13.40 -11.20
C PHE A 270 -8.36 11.90 -11.34
N LEU A 271 -7.11 11.56 -11.69
CA LEU A 271 -6.72 10.17 -11.84
C LEU A 271 -7.00 9.38 -10.57
N ALA A 272 -6.78 10.01 -9.42
CA ALA A 272 -7.05 9.36 -8.13
C ALA A 272 -8.52 8.96 -8.05
N SER A 273 -9.38 9.82 -8.60
CA SER A 273 -10.84 9.61 -8.61
C SER A 273 -11.27 8.50 -9.56
N VAL A 274 -10.67 8.50 -10.74
CA VAL A 274 -10.96 7.49 -11.76
C VAL A 274 -10.69 6.13 -11.12
N SER A 275 -9.52 6.00 -10.52
CA SER A 275 -9.09 4.78 -9.84
C SER A 275 -10.07 4.30 -8.81
N THR A 276 -10.56 5.23 -8.00
CA THR A 276 -11.50 4.85 -6.98
C THR A 276 -12.79 4.33 -7.60
N VAL A 277 -13.20 4.91 -8.73
CA VAL A 277 -14.42 4.49 -9.40
C VAL A 277 -14.30 3.03 -9.82
N LEU A 278 -13.16 2.66 -10.40
CA LEU A 278 -12.92 1.30 -10.87
C LEU A 278 -12.63 0.36 -9.69
N THR A 279 -12.27 0.93 -8.55
CA THR A 279 -11.97 0.17 -7.34
C THR A 279 -13.27 -0.34 -6.70
N SER A 280 -14.01 0.54 -6.03
CA SER A 280 -15.31 0.27 -5.35
C SER A 280 -15.89 -1.14 -5.23
N LYS A 281 -16.36 -1.69 -6.34
CA LYS A 281 -16.98 -3.02 -6.38
C LYS A 281 -16.11 -4.18 -5.92
N TYR A 282 -14.85 -3.89 -5.57
CA TYR A 282 -13.88 -4.90 -5.11
C TYR A 282 -14.41 -5.67 -3.88
N ARG A 283 -15.00 -4.96 -2.93
CA ARG A 283 -15.57 -5.58 -1.73
C ARG A 283 -16.98 -5.08 -1.46
N MET B 1 15.09 -8.07 7.11
CA MET B 1 14.02 -8.43 8.08
C MET B 1 14.53 -8.22 9.51
N HIS B 2 15.74 -8.70 9.77
CA HIS B 2 16.44 -8.59 11.05
C HIS B 2 15.68 -8.82 12.36
N LEU B 3 15.68 -10.06 12.82
CA LEU B 3 15.06 -10.41 14.08
C LEU B 3 16.18 -10.59 15.08
N THR B 4 15.88 -10.29 16.33
CA THR B 4 16.86 -10.44 17.39
C THR B 4 17.02 -11.94 17.68
N PRO B 5 18.04 -12.30 18.45
CA PRO B 5 18.19 -13.72 18.75
C PRO B 5 17.03 -14.22 19.58
N GLU B 6 16.63 -13.45 20.59
CA GLU B 6 15.51 -13.91 21.39
C GLU B 6 14.21 -13.98 20.60
N GLU B 7 14.09 -13.19 19.54
CA GLU B 7 12.88 -13.23 18.70
C GLU B 7 13.00 -14.51 17.89
N LYS B 8 14.20 -14.76 17.35
CA LYS B 8 14.48 -15.97 16.59
C LYS B 8 14.16 -17.19 17.46
N SER B 9 14.58 -17.13 18.72
CA SER B 9 14.38 -18.21 19.68
C SER B 9 12.89 -18.43 19.98
N ALA B 10 12.12 -17.34 20.04
CA ALA B 10 10.68 -17.38 20.34
C ALA B 10 9.87 -18.01 19.20
N VAL B 11 10.16 -17.56 17.99
CA VAL B 11 9.51 -18.04 16.78
C VAL B 11 9.66 -19.55 16.67
N THR B 12 10.90 -20.03 16.77
CA THR B 12 11.18 -21.46 16.66
C THR B 12 10.58 -22.26 17.80
N ALA B 13 10.66 -21.72 19.02
CA ALA B 13 10.13 -22.42 20.19
C ALA B 13 8.67 -22.76 19.99
N LEU B 14 7.93 -21.74 19.54
CA LEU B 14 6.50 -21.83 19.28
C LEU B 14 6.17 -22.68 18.06
N TRP B 15 6.99 -22.58 17.01
CA TRP B 15 6.77 -23.35 15.80
C TRP B 15 6.77 -24.86 16.12
N GLY B 16 7.49 -25.22 17.18
CA GLY B 16 7.58 -26.62 17.62
C GLY B 16 6.30 -27.23 18.17
N LYS B 17 5.42 -26.37 18.70
CA LYS B 17 4.13 -26.81 19.25
C LYS B 17 3.10 -26.79 18.12
N VAL B 18 3.54 -26.41 16.93
CA VAL B 18 2.67 -26.34 15.75
C VAL B 18 2.55 -27.68 15.01
N ASN B 19 1.31 -28.00 14.62
CA ASN B 19 0.99 -29.22 13.88
C ASN B 19 0.76 -28.77 12.44
N VAL B 20 1.83 -28.77 11.66
CA VAL B 20 1.80 -28.34 10.28
C VAL B 20 0.62 -28.86 9.44
N ASP B 21 0.29 -30.14 9.55
CA ASP B 21 -0.82 -30.71 8.78
C ASP B 21 -2.15 -30.01 9.09
N GLU B 22 -2.33 -29.71 10.37
CA GLU B 22 -3.52 -29.07 10.92
C GLU B 22 -3.68 -27.58 10.63
N VAL B 23 -2.62 -26.82 10.85
CA VAL B 23 -2.61 -25.37 10.63
C VAL B 23 -2.58 -25.01 9.17
N GLY B 24 -1.84 -25.77 8.38
CA GLY B 24 -1.75 -25.49 6.96
C GLY B 24 -3.09 -25.61 6.27
N GLY B 25 -3.88 -26.59 6.69
CA GLY B 25 -5.18 -26.79 6.07
C GLY B 25 -6.11 -25.64 6.39
N GLU B 26 -6.04 -25.18 7.64
CA GLU B 26 -6.89 -24.10 8.10
C GLU B 26 -6.48 -22.72 7.59
N ALA B 27 -5.17 -22.50 7.49
CA ALA B 27 -4.65 -21.22 7.00
C ALA B 27 -5.12 -21.07 5.57
N LEU B 28 -5.05 -22.15 4.80
CA LEU B 28 -5.49 -22.08 3.42
C LEU B 28 -6.98 -22.08 3.22
N GLY B 29 -7.72 -22.66 4.15
CA GLY B 29 -9.16 -22.63 4.00
C GLY B 29 -9.60 -21.20 4.24
N ARG B 30 -8.97 -20.56 5.21
CA ARG B 30 -9.34 -19.19 5.53
C ARG B 30 -9.02 -18.20 4.42
N LEU B 31 -7.93 -18.42 3.70
CA LEU B 31 -7.56 -17.51 2.63
C LEU B 31 -8.65 -17.46 1.58
N LEU B 32 -9.13 -18.64 1.20
CA LEU B 32 -10.16 -18.82 0.18
C LEU B 32 -11.55 -18.40 0.64
N VAL B 33 -11.75 -18.36 1.95
CA VAL B 33 -13.04 -17.98 2.50
C VAL B 33 -13.07 -16.48 2.84
N VAL B 34 -11.96 -15.97 3.36
CA VAL B 34 -11.87 -14.57 3.76
C VAL B 34 -11.52 -13.64 2.58
N TYR B 35 -10.74 -14.16 1.64
CA TYR B 35 -10.34 -13.40 0.46
C TYR B 35 -10.71 -14.30 -0.71
N PRO B 36 -12.03 -14.52 -0.90
CA PRO B 36 -12.67 -15.34 -1.91
C PRO B 36 -12.24 -15.11 -3.34
N TRP B 37 -11.72 -13.93 -3.63
CA TRP B 37 -11.26 -13.66 -4.99
C TRP B 37 -9.95 -14.41 -5.31
N THR B 38 -9.24 -14.86 -4.28
CA THR B 38 -8.00 -15.57 -4.51
C THR B 38 -8.28 -17.00 -4.94
N GLN B 39 -9.52 -17.45 -4.81
CA GLN B 39 -9.85 -18.82 -5.20
C GLN B 39 -9.91 -18.97 -6.70
N ARG B 40 -9.75 -17.83 -7.38
CA ARG B 40 -9.71 -17.77 -8.83
C ARG B 40 -8.47 -18.58 -9.28
N PHE B 41 -7.49 -18.70 -8.38
CA PHE B 41 -6.27 -19.45 -8.68
C PHE B 41 -6.40 -20.91 -8.36
N PHE B 42 -7.50 -21.30 -7.71
CA PHE B 42 -7.61 -22.69 -7.33
C PHE B 42 -8.85 -23.37 -7.85
N GLU B 43 -9.28 -22.98 -9.05
CA GLU B 43 -10.48 -23.54 -9.69
C GLU B 43 -10.49 -25.08 -9.77
N SER B 44 -9.30 -25.66 -9.87
CA SER B 44 -9.12 -27.11 -9.97
C SER B 44 -9.34 -27.87 -8.66
N PHE B 45 -9.40 -27.13 -7.55
CA PHE B 45 -9.60 -27.71 -6.23
C PHE B 45 -10.99 -28.31 -6.00
N GLY B 46 -11.94 -27.94 -6.87
CA GLY B 46 -13.29 -28.48 -6.77
C GLY B 46 -14.36 -27.50 -6.35
N ASP B 47 -15.09 -27.89 -5.32
CA ASP B 47 -16.17 -27.09 -4.77
C ASP B 47 -15.66 -26.18 -3.66
N LEU B 48 -15.76 -24.89 -3.89
CA LEU B 48 -15.32 -23.91 -2.90
C LEU B 48 -16.45 -22.87 -2.77
N SER B 49 -17.69 -23.34 -2.72
CA SER B 49 -18.85 -22.44 -2.63
C SER B 49 -19.26 -22.03 -1.22
N THR B 50 -19.10 -22.93 -0.26
CA THR B 50 -19.44 -22.68 1.14
C THR B 50 -18.19 -22.89 1.99
N PRO B 51 -18.06 -22.17 3.11
CA PRO B 51 -16.92 -22.30 4.02
C PRO B 51 -16.77 -23.74 4.52
N ASP B 52 -17.91 -24.43 4.64
CA ASP B 52 -17.98 -25.82 5.09
C ASP B 52 -17.31 -26.73 4.06
N ALA B 53 -17.43 -26.33 2.81
CA ALA B 53 -16.86 -27.10 1.71
C ALA B 53 -15.38 -26.89 1.57
N VAL B 54 -14.95 -25.64 1.74
CA VAL B 54 -13.55 -25.25 1.63
C VAL B 54 -12.68 -25.93 2.68
N MET B 55 -13.12 -25.81 3.93
CA MET B 55 -12.41 -26.37 5.06
C MET B 55 -12.44 -27.89 4.99
N GLY B 56 -13.55 -28.42 4.49
CA GLY B 56 -13.69 -29.86 4.36
C GLY B 56 -13.07 -30.38 3.07
N ASN B 57 -12.82 -29.52 2.10
CA ASN B 57 -12.25 -29.94 0.82
C ASN B 57 -10.86 -30.55 0.92
N PRO B 58 -10.72 -31.81 0.48
CA PRO B 58 -9.49 -32.62 0.48
C PRO B 58 -8.28 -32.00 -0.22
N LYS B 59 -8.47 -31.39 -1.39
CA LYS B 59 -7.38 -30.77 -2.13
C LYS B 59 -6.83 -29.56 -1.36
N VAL B 60 -7.73 -28.78 -0.78
CA VAL B 60 -7.36 -27.61 0.00
C VAL B 60 -6.39 -28.05 1.12
N LYS B 61 -6.75 -29.11 1.84
CA LYS B 61 -5.95 -29.67 2.95
C LYS B 61 -4.56 -30.12 2.54
N ALA B 62 -4.51 -30.87 1.44
CA ALA B 62 -3.26 -31.38 0.87
C ALA B 62 -2.35 -30.22 0.49
N HIS B 63 -2.88 -29.25 -0.26
CA HIS B 63 -2.09 -28.08 -0.67
C HIS B 63 -1.52 -27.26 0.49
N GLY B 64 -2.27 -27.19 1.60
CA GLY B 64 -1.84 -26.46 2.77
C GLY B 64 -0.61 -27.03 3.44
N LYS B 65 -0.50 -28.36 3.53
CA LYS B 65 0.68 -28.99 4.14
C LYS B 65 1.91 -28.52 3.34
N LYS B 66 1.78 -28.46 2.02
CA LYS B 66 2.88 -28.03 1.15
C LYS B 66 3.27 -26.60 1.46
N VAL B 67 2.26 -25.72 1.48
CA VAL B 67 2.47 -24.32 1.75
C VAL B 67 3.22 -24.16 3.08
N LEU B 68 2.69 -24.70 4.15
CA LEU B 68 3.34 -24.59 5.45
C LEU B 68 4.65 -25.37 5.56
N GLY B 69 4.86 -26.28 4.63
CA GLY B 69 6.09 -27.06 4.62
C GLY B 69 7.18 -26.13 4.15
N ALA B 70 6.86 -25.29 3.17
CA ALA B 70 7.81 -24.31 2.64
C ALA B 70 8.19 -23.32 3.72
N PHE B 71 7.20 -23.00 4.56
CA PHE B 71 7.37 -22.04 5.62
C PHE B 71 8.36 -22.52 6.68
N SER B 72 8.23 -23.77 7.10
CA SER B 72 9.11 -24.31 8.12
C SER B 72 10.53 -24.31 7.61
N ASP B 73 10.67 -24.35 6.29
CA ASP B 73 11.99 -24.32 5.69
C ASP B 73 12.50 -22.92 5.86
N GLY B 74 11.70 -21.92 5.45
CA GLY B 74 12.11 -20.54 5.61
C GLY B 74 12.56 -20.27 7.04
N LEU B 75 11.88 -20.87 8.00
CA LEU B 75 12.24 -20.68 9.39
C LEU B 75 13.52 -21.45 9.72
N ALA B 76 13.73 -22.57 9.04
CA ALA B 76 14.91 -23.41 9.27
C ALA B 76 16.15 -22.79 8.65
N HIS B 77 15.95 -21.83 7.75
CA HIS B 77 17.06 -21.13 7.08
C HIS B 77 16.77 -19.64 7.13
N LEU B 78 16.55 -19.12 8.34
CA LEU B 78 16.22 -17.73 8.58
C LEU B 78 17.21 -16.65 8.13
N ASP B 79 18.48 -17.01 7.97
CA ASP B 79 19.49 -16.05 7.54
C ASP B 79 19.69 -15.98 6.02
N ASN B 80 18.76 -16.59 5.29
CA ASN B 80 18.80 -16.62 3.83
C ASN B 80 17.45 -17.07 3.26
N LEU B 81 16.47 -16.18 3.33
CA LEU B 81 15.13 -16.48 2.82
C LEU B 81 15.06 -16.42 1.32
N LYS B 82 15.93 -15.63 0.70
CA LYS B 82 15.94 -15.50 -0.77
C LYS B 82 16.42 -16.75 -1.49
N GLY B 83 17.44 -17.40 -0.93
CA GLY B 83 17.96 -18.61 -1.54
C GLY B 83 17.06 -19.81 -1.34
N THR B 84 16.10 -19.70 -0.43
CA THR B 84 15.18 -20.78 -0.16
C THR B 84 13.89 -20.66 -0.99
N PHE B 85 13.49 -19.42 -1.25
CA PHE B 85 12.27 -19.15 -1.99
C PHE B 85 12.49 -18.70 -3.42
N ALA B 86 13.68 -19.00 -3.96
CA ALA B 86 14.02 -18.65 -5.34
C ALA B 86 13.23 -19.46 -6.38
N THR B 87 13.19 -20.78 -6.19
CA THR B 87 12.43 -21.67 -7.08
C THR B 87 10.98 -21.23 -7.01
N LEU B 88 10.51 -21.08 -5.77
CA LEU B 88 9.15 -20.67 -5.48
C LEU B 88 8.86 -19.28 -6.04
N SER B 89 9.85 -18.40 -6.03
CA SER B 89 9.61 -17.07 -6.57
C SER B 89 9.39 -17.20 -8.05
N GLU B 90 10.34 -17.85 -8.72
CA GLU B 90 10.25 -18.07 -10.15
C GLU B 90 8.94 -18.75 -10.55
N LEU B 91 8.50 -19.73 -9.77
CA LEU B 91 7.26 -20.45 -10.07
C LEU B 91 6.01 -19.58 -10.02
N HIS B 92 5.86 -18.80 -8.93
CA HIS B 92 4.71 -17.92 -8.73
C HIS B 92 4.64 -16.80 -9.78
N CYS B 93 5.82 -16.36 -10.24
CA CYS B 93 5.88 -15.32 -11.23
C CYS B 93 5.59 -15.89 -12.61
N ASP B 94 6.50 -16.75 -13.06
CA ASP B 94 6.44 -17.36 -14.39
C ASP B 94 5.34 -18.37 -14.68
N LYS B 95 5.15 -19.33 -13.80
CA LYS B 95 4.14 -20.33 -14.05
C LYS B 95 2.73 -19.90 -13.63
N LEU B 96 2.62 -19.34 -12.41
CA LEU B 96 1.31 -18.97 -11.86
C LEU B 96 0.72 -17.58 -12.11
N HIS B 97 1.55 -16.55 -12.29
CA HIS B 97 1.09 -15.16 -12.55
C HIS B 97 0.38 -14.48 -11.39
N VAL B 98 0.95 -14.64 -10.20
CA VAL B 98 0.40 -14.08 -8.97
C VAL B 98 0.97 -12.71 -8.66
N ASP B 99 0.11 -11.71 -8.49
CA ASP B 99 0.55 -10.38 -8.13
C ASP B 99 1.07 -10.58 -6.72
N PRO B 100 2.29 -10.15 -6.48
CA PRO B 100 2.92 -10.30 -5.15
C PRO B 100 2.20 -9.60 -3.97
N GLU B 101 1.20 -8.79 -4.29
CA GLU B 101 0.43 -8.06 -3.27
C GLU B 101 -0.48 -9.02 -2.56
N ASN B 102 -0.69 -10.18 -3.17
CA ASN B 102 -1.55 -11.22 -2.63
C ASN B 102 -0.79 -12.07 -1.63
N PHE B 103 0.53 -11.95 -1.63
CA PHE B 103 1.33 -12.73 -0.71
C PHE B 103 1.03 -12.31 0.69
N ARG B 104 0.89 -11.00 0.91
CA ARG B 104 0.62 -10.49 2.24
C ARG B 104 -0.70 -10.98 2.82
N LEU B 105 -1.65 -11.30 1.95
CA LEU B 105 -2.94 -11.80 2.40
C LEU B 105 -2.77 -13.12 3.11
N LEU B 106 -1.89 -13.99 2.59
CA LEU B 106 -1.67 -15.29 3.20
C LEU B 106 -0.98 -15.15 4.57
N GLY B 107 0.00 -14.26 4.66
CA GLY B 107 0.68 -14.04 5.92
C GLY B 107 -0.30 -13.57 6.99
N LYS B 108 -1.21 -12.69 6.61
CA LYS B 108 -2.21 -12.14 7.53
C LYS B 108 -3.05 -13.25 8.13
N VAL B 109 -3.47 -14.20 7.30
CA VAL B 109 -4.30 -15.30 7.75
C VAL B 109 -3.56 -16.31 8.63
N LEU B 110 -2.26 -16.42 8.43
CA LEU B 110 -1.42 -17.32 9.20
C LEU B 110 -1.31 -16.78 10.61
N VAL B 111 -1.09 -15.47 10.75
CA VAL B 111 -0.94 -14.85 12.06
C VAL B 111 -2.23 -14.99 12.85
N CYS B 112 -3.36 -14.81 12.19
CA CYS B 112 -4.67 -14.96 12.85
C CYS B 112 -4.91 -16.41 13.29
N VAL B 113 -4.46 -17.36 12.48
CA VAL B 113 -4.61 -18.77 12.80
C VAL B 113 -3.73 -19.18 14.00
N LEU B 114 -2.49 -18.71 14.03
CA LEU B 114 -1.57 -19.00 15.13
C LEU B 114 -2.12 -18.40 16.42
N ALA B 115 -2.69 -17.22 16.31
CA ALA B 115 -3.26 -16.53 17.46
C ALA B 115 -4.45 -17.27 17.99
N HIS B 116 -5.26 -17.77 17.06
CA HIS B 116 -6.46 -18.51 17.40
C HIS B 116 -6.06 -19.79 18.13
N HIS B 117 -5.07 -20.53 17.62
CA HIS B 117 -4.63 -21.77 18.27
C HIS B 117 -3.86 -21.53 19.59
N PHE B 118 -2.94 -20.57 19.59
CA PHE B 118 -2.14 -20.26 20.78
C PHE B 118 -2.79 -19.34 21.80
N GLY B 119 -3.76 -18.54 21.35
CA GLY B 119 -4.48 -17.64 22.24
C GLY B 119 -3.56 -16.76 23.03
N LYS B 120 -3.66 -16.85 24.35
CA LYS B 120 -2.87 -16.08 25.31
C LYS B 120 -1.36 -16.17 25.08
N GLU B 121 -0.84 -17.36 24.77
CA GLU B 121 0.58 -17.58 24.53
C GLU B 121 1.15 -16.72 23.38
N PHE B 122 0.28 -16.32 22.45
CA PHE B 122 0.64 -15.51 21.29
C PHE B 122 0.66 -14.05 21.71
N THR B 123 1.60 -13.71 22.57
CA THR B 123 1.75 -12.36 23.09
C THR B 123 2.15 -11.36 22.00
N PRO B 124 2.01 -10.05 22.29
CA PRO B 124 2.37 -8.98 21.35
C PRO B 124 3.79 -9.12 20.84
N PRO B 125 4.77 -9.34 21.75
CA PRO B 125 6.16 -9.50 21.31
C PRO B 125 6.30 -10.71 20.39
N VAL B 126 5.59 -11.78 20.73
CA VAL B 126 5.61 -12.97 19.92
C VAL B 126 4.93 -12.72 18.57
N GLN B 127 3.95 -11.82 18.54
CA GLN B 127 3.31 -11.51 17.26
C GLN B 127 4.28 -10.69 16.40
N ALA B 128 5.01 -9.77 17.04
CA ALA B 128 5.95 -8.93 16.33
C ALA B 128 7.07 -9.73 15.68
N ALA B 129 7.58 -10.76 16.37
CA ALA B 129 8.63 -11.62 15.81
C ALA B 129 8.05 -12.23 14.54
N TYR B 130 6.89 -12.84 14.68
CA TYR B 130 6.20 -13.46 13.55
C TYR B 130 5.85 -12.51 12.40
N GLN B 131 5.56 -11.25 12.70
CA GLN B 131 5.24 -10.30 11.65
C GLN B 131 6.49 -10.08 10.81
N LYS B 132 7.66 -10.17 11.45
CA LYS B 132 8.92 -9.99 10.74
C LYS B 132 9.14 -11.16 9.80
N VAL B 133 8.88 -12.36 10.30
CA VAL B 133 9.03 -13.57 9.52
C VAL B 133 8.19 -13.54 8.24
N VAL B 134 6.86 -13.46 8.36
CA VAL B 134 6.01 -13.42 7.15
C VAL B 134 6.28 -12.25 6.19
N ALA B 135 6.83 -11.14 6.68
CA ALA B 135 7.13 -10.00 5.80
C ALA B 135 8.42 -10.31 5.03
N GLY B 136 9.26 -11.16 5.63
CA GLY B 136 10.52 -11.55 5.01
C GLY B 136 10.26 -12.59 3.93
N VAL B 137 9.41 -13.57 4.27
CA VAL B 137 9.00 -14.65 3.38
C VAL B 137 8.31 -14.12 2.13
N ALA B 138 7.38 -13.17 2.31
CA ALA B 138 6.66 -12.57 1.17
C ALA B 138 7.62 -11.74 0.31
N ASN B 139 8.67 -11.21 0.92
CA ASN B 139 9.64 -10.41 0.20
C ASN B 139 10.60 -11.22 -0.63
N ALA B 140 10.97 -12.38 -0.12
CA ALA B 140 11.89 -13.28 -0.78
C ALA B 140 11.17 -13.94 -1.94
N LEU B 141 9.92 -14.29 -1.70
CA LEU B 141 9.08 -14.95 -2.68
C LEU B 141 8.68 -14.01 -3.84
N ALA B 142 8.85 -12.71 -3.61
CA ALA B 142 8.53 -11.68 -4.61
C ALA B 142 9.78 -11.13 -5.27
N HIS B 143 10.88 -11.88 -5.18
CA HIS B 143 12.16 -11.43 -5.70
C HIS B 143 12.56 -11.79 -7.14
N LYS B 144 12.06 -12.91 -7.64
CA LYS B 144 12.37 -13.36 -8.99
C LYS B 144 11.32 -12.91 -10.00
N TYR B 145 10.50 -11.95 -9.60
CA TYR B 145 9.48 -11.39 -10.48
C TYR B 145 10.21 -10.40 -11.38
N HIS B 146 9.89 -10.42 -12.67
CA HIS B 146 10.57 -9.55 -13.61
C HIS B 146 9.76 -9.31 -14.86
N MET C 1 21.75 -0.44 -4.07
CA MET C 1 21.05 -1.74 -4.31
C MET C 1 21.53 -2.41 -5.61
N HIS C 2 20.66 -3.19 -6.24
CA HIS C 2 21.01 -3.88 -7.47
C HIS C 2 20.75 -3.08 -8.75
N LEU C 3 21.79 -2.41 -9.24
CA LEU C 3 21.70 -1.63 -10.46
C LEU C 3 22.61 -2.22 -11.53
N THR C 4 22.09 -2.43 -12.73
CA THR C 4 22.89 -2.97 -13.82
C THR C 4 23.84 -1.88 -14.27
N PRO C 5 25.07 -2.26 -14.72
CA PRO C 5 26.07 -1.29 -15.17
C PRO C 5 25.48 -0.26 -16.12
N GLU C 6 24.52 -0.72 -16.93
CA GLU C 6 23.86 0.14 -17.90
C GLU C 6 22.99 1.17 -17.22
N GLU C 7 22.19 0.74 -16.26
CA GLU C 7 21.30 1.66 -15.55
C GLU C 7 22.01 2.34 -14.40
N LYS C 8 23.26 1.94 -14.15
CA LYS C 8 24.11 2.52 -13.10
C LYS C 8 25.01 3.55 -13.78
N SER C 9 24.80 3.68 -15.09
CA SER C 9 25.52 4.60 -15.97
C SER C 9 24.50 5.58 -16.57
N ALA C 10 23.24 5.14 -16.67
CA ALA C 10 22.17 5.96 -17.23
C ALA C 10 21.69 6.94 -16.17
N VAL C 11 21.62 6.48 -14.93
CA VAL C 11 21.20 7.30 -13.79
C VAL C 11 22.19 8.42 -13.58
N THR C 12 23.46 8.06 -13.43
CA THR C 12 24.52 9.04 -13.23
C THR C 12 24.70 9.97 -14.43
N ALA C 13 24.46 9.42 -15.63
CA ALA C 13 24.60 10.19 -16.86
C ALA C 13 23.66 11.37 -16.88
N LEU C 14 22.37 11.11 -16.67
CA LEU C 14 21.36 12.17 -16.68
C LEU C 14 21.42 13.10 -15.47
N TRP C 15 22.00 12.64 -14.37
CA TRP C 15 22.09 13.47 -13.17
C TRP C 15 23.15 14.55 -13.40
N GLY C 16 24.10 14.23 -14.26
CA GLY C 16 25.17 15.16 -14.59
C GLY C 16 24.68 16.38 -15.34
N LYS C 17 23.36 16.46 -15.57
CA LYS C 17 22.74 17.59 -16.25
C LYS C 17 21.72 18.24 -15.31
N VAL C 18 21.50 17.60 -14.17
CA VAL C 18 20.55 18.06 -13.17
C VAL C 18 21.02 19.23 -12.33
N ASN C 19 20.33 20.37 -12.45
CA ASN C 19 20.67 21.54 -11.66
C ASN C 19 20.07 21.35 -10.27
N VAL C 20 20.76 20.58 -9.45
CA VAL C 20 20.36 20.26 -8.08
C VAL C 20 19.66 21.39 -7.33
N ASP C 21 20.16 22.61 -7.50
CA ASP C 21 19.59 23.77 -6.83
C ASP C 21 18.16 24.05 -7.25
N GLU C 22 17.95 24.52 -8.48
CA GLU C 22 16.60 24.83 -8.95
C GLU C 22 15.68 23.60 -8.95
N VAL C 23 16.24 22.43 -9.20
CA VAL C 23 15.46 21.19 -9.19
C VAL C 23 15.10 20.84 -7.74
N GLY C 24 15.97 21.26 -6.82
CA GLY C 24 15.74 21.00 -5.40
C GLY C 24 14.47 21.65 -4.89
N GLY C 25 14.20 22.86 -5.38
CA GLY C 25 13.01 23.59 -4.98
C GLY C 25 11.82 23.33 -5.87
N GLU C 26 12.06 22.78 -7.05
CA GLU C 26 10.98 22.49 -7.97
C GLU C 26 10.24 21.28 -7.41
N ALA C 27 11.01 20.32 -6.91
CA ALA C 27 10.46 19.09 -6.34
C ALA C 27 9.79 19.31 -4.99
N LEU C 28 10.50 19.96 -4.07
CA LEU C 28 9.96 20.22 -2.74
C LEU C 28 8.69 21.08 -2.75
N GLY C 29 8.67 22.09 -3.61
CA GLY C 29 7.51 22.95 -3.69
C GLY C 29 6.29 22.21 -4.22
N ARG C 30 6.48 21.34 -5.20
CA ARG C 30 5.37 20.57 -5.76
C ARG C 30 4.81 19.62 -4.71
N LEU C 31 5.71 19.01 -3.92
CA LEU C 31 5.28 18.08 -2.86
C LEU C 31 4.28 18.83 -1.99
N LEU C 32 4.66 20.06 -1.63
CA LEU C 32 3.86 20.97 -0.82
C LEU C 32 2.57 21.38 -1.52
N VAL C 33 2.62 21.50 -2.85
CA VAL C 33 1.44 21.91 -3.60
C VAL C 33 0.57 20.72 -4.08
N VAL C 34 1.14 19.53 -4.22
CA VAL C 34 0.38 18.36 -4.73
C VAL C 34 -0.21 17.49 -3.63
N TYR C 35 0.52 17.37 -2.53
CA TYR C 35 0.09 16.60 -1.35
C TYR C 35 0.14 17.56 -0.17
N PRO C 36 -0.85 18.46 -0.07
CA PRO C 36 -1.07 19.52 0.92
C PRO C 36 -0.84 19.19 2.40
N TRP C 37 -1.31 18.03 2.84
CA TRP C 37 -1.13 17.64 4.23
C TRP C 37 0.33 17.66 4.68
N THR C 38 1.27 17.42 3.75
CA THR C 38 2.69 17.39 4.09
C THR C 38 3.15 18.76 4.56
N GLN C 39 2.33 19.78 4.30
CA GLN C 39 2.65 21.14 4.70
C GLN C 39 2.67 21.33 6.20
N ARG C 40 2.01 20.45 6.94
CA ARG C 40 1.98 20.59 8.39
C ARG C 40 3.33 20.40 9.03
N PHE C 41 4.32 20.01 8.22
CA PHE C 41 5.68 19.79 8.71
C PHE C 41 6.58 21.01 8.48
N PHE C 42 6.20 21.83 7.48
CA PHE C 42 6.98 23.00 7.08
C PHE C 42 6.48 24.41 7.37
N GLU C 43 5.62 24.57 8.37
CA GLU C 43 5.12 25.91 8.73
C GLU C 43 6.33 26.81 9.09
N SER C 44 7.42 26.17 9.51
CA SER C 44 8.66 26.85 9.88
C SER C 44 9.06 27.87 8.81
N PHE C 45 8.55 27.65 7.60
CA PHE C 45 8.82 28.47 6.42
C PHE C 45 8.04 29.79 6.34
N GLY C 46 6.71 29.70 6.31
CA GLY C 46 5.89 30.89 6.26
C GLY C 46 4.51 30.75 5.63
N ASP C 47 4.32 31.47 4.53
CA ASP C 47 3.07 31.48 3.78
C ASP C 47 3.12 30.36 2.76
N LEU C 48 2.22 29.38 2.89
CA LEU C 48 2.15 28.26 1.97
C LEU C 48 0.75 28.10 1.41
N SER C 49 0.07 29.23 1.23
CA SER C 49 -1.30 29.26 0.74
C SER C 49 -1.47 28.96 -0.75
N THR C 50 -0.93 29.81 -1.60
CA THR C 50 -1.04 29.61 -3.05
C THR C 50 0.19 28.97 -3.64
N PRO C 51 0.03 28.25 -4.77
CA PRO C 51 1.18 27.60 -5.40
C PRO C 51 2.27 28.65 -5.66
N ASP C 52 1.84 29.88 -5.94
CA ASP C 52 2.74 31.00 -6.20
C ASP C 52 3.43 31.41 -4.92
N ALA C 53 2.76 31.18 -3.80
CA ALA C 53 3.30 31.48 -2.50
C ALA C 53 4.41 30.48 -2.21
N VAL C 54 4.11 29.21 -2.53
CA VAL C 54 5.00 28.06 -2.30
C VAL C 54 6.27 28.08 -3.12
N MET C 55 6.12 28.12 -4.44
CA MET C 55 7.25 28.09 -5.35
C MET C 55 8.11 29.33 -5.22
N GLY C 56 7.50 30.44 -4.79
CA GLY C 56 8.21 31.69 -4.61
C GLY C 56 8.87 31.85 -3.25
N ASN C 57 8.31 31.18 -2.25
CA ASN C 57 8.82 31.22 -0.87
C ASN C 57 10.25 30.74 -0.91
N PRO C 58 11.19 31.59 -0.45
CA PRO C 58 12.62 31.29 -0.42
C PRO C 58 13.08 30.19 0.58
N LYS C 59 12.25 29.92 1.58
CA LYS C 59 12.55 28.88 2.57
C LYS C 59 12.45 27.52 1.89
N VAL C 60 11.39 27.34 1.10
CA VAL C 60 11.13 26.13 0.32
C VAL C 60 12.31 25.86 -0.61
N LYS C 61 12.81 26.90 -1.26
CA LYS C 61 13.93 26.76 -2.18
C LYS C 61 15.16 26.34 -1.42
N ALA C 62 15.50 27.14 -0.41
CA ALA C 62 16.65 26.88 0.42
C ALA C 62 16.68 25.45 0.96
N HIS C 63 15.52 24.93 1.38
CA HIS C 63 15.43 23.57 1.92
C HIS C 63 15.50 22.57 0.79
N GLY C 64 14.81 22.87 -0.31
CA GLY C 64 14.79 21.97 -1.44
C GLY C 64 16.16 21.56 -1.93
N LYS C 65 17.15 22.44 -1.74
CA LYS C 65 18.52 22.17 -2.18
C LYS C 65 19.29 21.31 -1.20
N LYS C 66 18.95 21.43 0.09
CA LYS C 66 19.59 20.66 1.17
C LYS C 66 19.17 19.20 1.00
N VAL C 67 17.97 19.01 0.46
CA VAL C 67 17.35 17.72 0.19
C VAL C 67 17.89 17.04 -1.08
N LEU C 68 18.02 17.80 -2.17
CA LEU C 68 18.54 17.24 -3.42
C LEU C 68 20.03 17.01 -3.30
N GLY C 69 20.62 17.52 -2.21
CA GLY C 69 22.05 17.36 -1.97
C GLY C 69 22.33 16.03 -1.32
N ALA C 70 21.51 15.68 -0.33
CA ALA C 70 21.63 14.41 0.39
C ALA C 70 21.37 13.32 -0.63
N PHE C 71 20.48 13.64 -1.56
CA PHE C 71 20.12 12.73 -2.64
C PHE C 71 21.33 12.49 -3.51
N SER C 72 22.01 13.56 -3.89
CA SER C 72 23.22 13.43 -4.71
C SER C 72 24.24 12.61 -3.96
N ASP C 73 24.29 12.79 -2.64
CA ASP C 73 25.24 12.05 -1.81
C ASP C 73 24.90 10.57 -1.78
N GLY C 74 23.62 10.27 -1.80
CA GLY C 74 23.20 8.88 -1.80
C GLY C 74 23.65 8.23 -3.10
N LEU C 75 23.76 9.04 -4.16
CA LEU C 75 24.18 8.58 -5.49
C LEU C 75 25.66 8.22 -5.60
N ALA C 76 26.46 8.74 -4.67
CA ALA C 76 27.88 8.46 -4.65
C ALA C 76 28.11 7.09 -4.00
N HIS C 77 27.19 6.70 -3.14
CA HIS C 77 27.25 5.43 -2.43
C HIS C 77 25.96 4.68 -2.74
N LEU C 78 25.74 4.44 -4.03
CA LEU C 78 24.54 3.77 -4.52
C LEU C 78 24.26 2.38 -3.97
N ASP C 79 25.31 1.68 -3.57
CA ASP C 79 25.15 0.33 -3.03
C ASP C 79 25.34 0.23 -1.51
N ASN C 80 24.82 1.23 -0.81
CA ASN C 80 24.90 1.30 0.65
C ASN C 80 24.26 2.59 1.09
N LEU C 81 22.96 2.68 0.82
CA LEU C 81 22.20 3.85 1.17
C LEU C 81 21.79 3.78 2.64
N LYS C 82 21.82 2.57 3.21
CA LYS C 82 21.44 2.38 4.61
C LYS C 82 22.39 3.10 5.55
N GLY C 83 23.68 3.09 5.19
CA GLY C 83 24.71 3.75 5.99
C GLY C 83 24.78 5.25 5.77
N THR C 84 24.58 5.67 4.53
CA THR C 84 24.59 7.08 4.15
C THR C 84 23.37 7.85 4.69
N PHE C 85 22.22 7.18 4.77
CA PHE C 85 20.97 7.81 5.25
C PHE C 85 20.58 7.35 6.66
N ALA C 86 21.55 6.84 7.43
CA ALA C 86 21.26 6.36 8.78
C ALA C 86 20.97 7.47 9.75
N THR C 87 21.78 8.50 9.72
CA THR C 87 21.64 9.64 10.61
C THR C 87 20.33 10.34 10.33
N LEU C 88 20.12 10.62 9.05
CA LEU C 88 18.92 11.28 8.58
C LEU C 88 17.69 10.44 8.91
N SER C 89 17.89 9.13 8.88
CA SER C 89 16.81 8.22 9.18
C SER C 89 16.47 8.33 10.66
N GLU C 90 17.46 8.68 11.48
CA GLU C 90 17.21 8.83 12.92
C GLU C 90 16.53 10.16 13.16
N LEU C 91 16.91 11.17 12.39
CA LEU C 91 16.34 12.50 12.51
C LEU C 91 14.85 12.53 12.22
N HIS C 92 14.48 11.97 11.07
CA HIS C 92 13.08 11.93 10.61
C HIS C 92 12.15 11.11 11.51
N CYS C 93 12.72 10.12 12.19
CA CYS C 93 11.93 9.29 13.08
C CYS C 93 11.76 9.91 14.45
N ASP C 94 12.88 10.10 15.13
CA ASP C 94 12.89 10.64 16.47
C ASP C 94 12.52 12.10 16.63
N LYS C 95 13.10 12.96 15.81
CA LYS C 95 12.82 14.39 15.92
C LYS C 95 11.61 14.87 15.16
N LEU C 96 11.55 14.51 13.88
CA LEU C 96 10.48 14.95 13.01
C LEU C 96 9.17 14.16 13.02
N HIS C 97 9.20 12.88 13.41
CA HIS C 97 7.99 12.05 13.48
C HIS C 97 7.26 11.93 12.13
N VAL C 98 7.96 11.53 11.08
CA VAL C 98 7.34 11.39 9.77
C VAL C 98 7.01 9.96 9.40
N ASP C 99 5.76 9.69 9.09
CA ASP C 99 5.36 8.36 8.68
C ASP C 99 6.16 8.13 7.39
N PRO C 100 7.01 7.09 7.35
CA PRO C 100 7.82 6.78 6.18
C PRO C 100 7.02 6.70 4.88
N GLU C 101 5.72 6.45 4.99
CA GLU C 101 4.88 6.37 3.81
C GLU C 101 4.83 7.68 3.02
N ASN C 102 5.40 8.76 3.57
CA ASN C 102 5.43 10.04 2.89
C ASN C 102 6.64 10.15 1.98
N PHE C 103 7.69 9.46 2.37
CA PHE C 103 8.94 9.40 1.61
C PHE C 103 8.66 9.06 0.16
N ARG C 104 7.58 8.32 -0.06
CA ARG C 104 7.22 7.89 -1.40
C ARG C 104 6.62 9.01 -2.27
N LEU C 105 6.00 10.00 -1.62
CA LEU C 105 5.39 11.12 -2.34
C LEU C 105 6.45 12.02 -2.97
N LEU C 106 7.58 12.17 -2.29
CA LEU C 106 8.69 12.97 -2.78
C LEU C 106 9.35 12.21 -3.92
N GLY C 107 9.31 10.88 -3.82
CA GLY C 107 9.88 10.03 -4.84
C GLY C 107 9.17 10.21 -6.17
N LYS C 108 7.84 10.20 -6.16
CA LYS C 108 7.10 10.37 -7.41
C LYS C 108 7.07 11.82 -7.91
N VAL C 109 7.27 12.77 -7.00
CA VAL C 109 7.27 14.18 -7.38
C VAL C 109 8.61 14.48 -8.04
N LEU C 110 9.69 13.95 -7.49
CA LEU C 110 11.00 14.17 -8.07
C LEU C 110 11.09 13.59 -9.49
N VAL C 111 10.62 12.35 -9.68
CA VAL C 111 10.64 11.73 -11.00
C VAL C 111 9.92 12.60 -12.04
N CYS C 112 8.73 13.13 -11.67
CA CYS C 112 7.93 14.00 -12.56
C CYS C 112 8.71 15.27 -12.96
N VAL C 113 9.54 15.75 -12.05
CA VAL C 113 10.32 16.93 -12.31
C VAL C 113 11.35 16.52 -13.36
N LEU C 114 11.97 15.36 -13.19
CA LEU C 114 12.96 14.88 -14.15
C LEU C 114 12.34 14.70 -15.55
N ALA C 115 11.07 14.32 -15.58
CA ALA C 115 10.36 14.12 -16.83
C ALA C 115 10.04 15.47 -17.49
N HIS C 116 9.65 16.42 -16.65
CA HIS C 116 9.29 17.75 -17.08
C HIS C 116 10.50 18.46 -17.64
N HIS C 117 11.63 18.35 -16.95
CA HIS C 117 12.85 19.00 -17.38
C HIS C 117 13.71 18.24 -18.40
N PHE C 118 13.21 17.10 -18.89
CA PHE C 118 13.96 16.33 -19.88
C PHE C 118 13.13 15.78 -21.02
N GLY C 119 11.83 15.65 -20.80
CA GLY C 119 10.96 15.13 -21.82
C GLY C 119 11.56 13.93 -22.54
N LYS C 120 11.70 14.05 -23.85
CA LYS C 120 12.27 13.02 -24.70
C LYS C 120 13.43 12.24 -24.07
N GLU C 121 14.40 12.95 -23.52
CA GLU C 121 15.58 12.33 -22.92
C GLU C 121 15.26 11.31 -21.81
N PHE C 122 14.29 11.66 -20.97
CA PHE C 122 13.84 10.83 -19.85
C PHE C 122 12.99 9.66 -20.42
N THR C 123 13.64 8.81 -21.21
CA THR C 123 12.99 7.67 -21.85
C THR C 123 12.44 6.68 -20.83
N PRO C 124 11.60 5.71 -21.27
CA PRO C 124 11.04 4.71 -20.36
C PRO C 124 12.10 3.92 -19.60
N PRO C 125 13.17 3.48 -20.29
CA PRO C 125 14.18 2.73 -19.55
C PRO C 125 14.92 3.56 -18.49
N VAL C 126 15.00 4.88 -18.69
CA VAL C 126 15.66 5.76 -17.72
C VAL C 126 14.75 5.85 -16.50
N GLN C 127 13.47 6.09 -16.74
CA GLN C 127 12.48 6.19 -15.66
C GLN C 127 12.61 5.01 -14.72
N ALA C 128 12.66 3.83 -15.31
CA ALA C 128 12.80 2.57 -14.59
C ALA C 128 14.01 2.56 -13.66
N ALA C 129 15.17 2.92 -14.19
CA ALA C 129 16.37 2.95 -13.38
C ALA C 129 16.18 3.93 -12.23
N TYR C 130 15.39 4.98 -12.46
CA TYR C 130 15.12 5.97 -11.43
C TYR C 130 14.15 5.48 -10.37
N GLN C 131 13.12 4.76 -10.82
CA GLN C 131 12.14 4.23 -9.89
C GLN C 131 12.89 3.41 -8.86
N LYS C 132 13.87 2.64 -9.32
CA LYS C 132 14.67 1.81 -8.43
C LYS C 132 15.45 2.64 -7.44
N VAL C 133 16.05 3.72 -7.91
CA VAL C 133 16.87 4.57 -7.05
C VAL C 133 16.13 5.26 -5.91
N VAL C 134 14.97 5.86 -6.21
CA VAL C 134 14.19 6.53 -5.18
C VAL C 134 13.64 5.55 -4.15
N ALA C 135 13.26 4.35 -4.62
CA ALA C 135 12.72 3.30 -3.75
C ALA C 135 13.80 2.85 -2.78
N GLY C 136 15.03 2.79 -3.28
CA GLY C 136 16.17 2.39 -2.47
C GLY C 136 16.49 3.43 -1.41
N VAL C 137 16.29 4.70 -1.75
CA VAL C 137 16.53 5.80 -0.84
C VAL C 137 15.39 5.89 0.21
N ALA C 138 14.17 5.56 -0.21
CA ALA C 138 13.04 5.61 0.70
C ALA C 138 13.20 4.56 1.77
N ASN C 139 13.63 3.38 1.34
CA ASN C 139 13.82 2.29 2.27
C ASN C 139 15.00 2.52 3.20
N ALA C 140 15.88 3.45 2.83
CA ALA C 140 17.04 3.78 3.66
C ALA C 140 16.60 4.77 4.73
N LEU C 141 15.72 5.70 4.34
CA LEU C 141 15.20 6.70 5.24
C LEU C 141 14.29 6.08 6.29
N ALA C 142 13.58 5.03 5.91
CA ALA C 142 12.66 4.37 6.83
C ALA C 142 13.33 3.27 7.63
N HIS C 143 14.63 3.12 7.43
CA HIS C 143 15.40 2.06 8.09
C HIS C 143 15.73 2.10 9.61
N LYS C 144 15.93 3.28 10.19
CA LYS C 144 16.27 3.40 11.62
C LYS C 144 15.06 3.52 12.52
N TYR C 145 13.86 3.59 11.93
CA TYR C 145 12.64 3.70 12.71
C TYR C 145 12.55 2.62 13.79
N HIS C 146 11.79 2.92 14.83
CA HIS C 146 11.64 2.00 15.94
C HIS C 146 10.60 2.58 16.87
C CYN D . -7.03 5.34 16.94
N CYN D . -6.01 5.40 17.51
C CYN E . -5.92 -1.57 -18.57
N CYN E . -4.82 -1.23 -18.75
CHA HEM F . -8.06 9.37 18.09
CHB HEM F . -10.82 5.65 16.67
CHC HEM F . -7.47 4.35 13.44
CHD HEM F . -4.53 7.74 15.17
C1A HEM F . -9.12 8.48 17.99
C2A HEM F . -10.27 8.44 18.85
C3A HEM F . -11.02 7.37 18.49
C4A HEM F . -10.32 6.73 17.39
CMA HEM F . -12.39 6.95 19.05
CAA HEM F . -10.64 9.41 19.96
CBA HEM F . -10.82 10.75 19.29
CGA HEM F . -11.34 11.84 20.23
O1A HEM F . -11.52 11.55 21.43
O2A HEM F . -11.57 12.97 19.75
C1B HEM F . -10.19 5.03 15.59
C2B HEM F . -10.76 3.93 14.81
C3B HEM F . -9.83 3.59 13.88
C4B HEM F . -8.68 4.44 14.13
CMB HEM F . -12.18 3.34 14.98
CAB HEM F . -9.87 2.69 12.79
CBB HEM F . -10.45 1.35 12.80
C1C HEM F . -6.37 5.18 13.62
C2C HEM F . -5.09 4.96 13.02
C3C HEM F . -4.27 5.92 13.50
C4C HEM F . -5.03 6.71 14.42
CMC HEM F . -4.83 3.83 12.04
CAC HEM F . -2.95 6.07 13.25
CBC HEM F . -2.14 4.91 13.47
C1D HEM F . -5.23 8.48 16.11
C2D HEM F . -4.70 9.59 16.85
C3D HEM F . -5.69 10.04 17.67
C4D HEM F . -6.86 9.27 17.38
CMD HEM F . -3.30 10.14 16.61
CAD HEM F . -5.70 11.12 18.68
CBD HEM F . -4.66 11.04 19.76
CGD HEM F . -4.77 12.21 20.72
O1D HEM F . -5.78 12.27 21.47
O2D HEM F . -3.87 13.07 20.68
NA HEM F . -9.14 7.38 17.14
NB HEM F . -8.96 5.38 15.10
NC HEM F . -6.32 6.26 14.49
ND HEM F . -6.56 8.30 16.45
FE HEM F . -7.76 6.91 15.78
CHA HEM G . -9.02 -3.74 -19.55
CHB HEM G . -9.19 1.01 -18.53
CHC HEM G . -6.00 0.39 -14.95
CHD HEM G . -5.67 -4.32 -16.08
C1A HEM G . -9.29 -2.37 -19.64
C2A HEM G . -10.02 -1.72 -20.69
C3A HEM G . -10.08 -0.41 -20.40
C4A HEM G . -9.33 -0.20 -19.19
CMA HEM G . -10.73 0.72 -21.19
CAA HEM G . -10.54 -2.36 -21.95
CBA HEM G . -11.75 -3.22 -21.69
CGA HEM G . -11.80 -4.42 -22.61
O1A HEM G . -11.24 -5.48 -22.23
O2A HEM G . -12.37 -4.30 -23.70
C1B HEM G . -8.40 1.24 -17.42
C2B HEM G . -8.32 2.49 -16.72
C3B HEM G . -7.42 2.33 -15.72
C4B HEM G . -6.93 0.96 -15.82
CMB HEM G . -9.07 3.75 -17.05
CAB HEM G . -7.11 3.25 -14.74
CBB HEM G . -6.31 4.42 -15.00
C1C HEM G . -5.63 -0.96 -14.92
C2C HEM G . -4.52 -1.49 -14.18
C3C HEM G . -4.40 -2.80 -14.52
C4C HEM G . -5.47 -3.09 -15.45
CMC HEM G . -3.65 -0.70 -13.20
CAC HEM G . -3.44 -3.70 -14.12
CBC HEM G . -2.03 -3.43 -14.22
C1D HEM G . -6.57 -4.58 -17.11
C2D HEM G . -6.71 -5.84 -17.80
C3D HEM G . -7.70 -5.70 -18.71
C4D HEM G . -8.15 -4.34 -18.63
CMD HEM G . -5.91 -7.10 -17.50
CAD HEM G . -8.25 -6.70 -19.66
CBD HEM G . -7.33 -6.91 -20.85
CGD HEM G . -7.86 -7.95 -21.84
O1D HEM G . -7.21 -8.99 -22.03
O2D HEM G . -8.95 -7.71 -22.40
NA HEM G . -8.75 -1.39 -18.80
NB HEM G . -7.61 0.29 -16.81
NC HEM G . -6.19 -1.94 -15.72
ND HEM G . -7.44 -3.67 -17.67
FE HEM G . -7.50 -1.73 -17.23
C CYN H . -0.07 -20.81 -2.33
N CYN H . -0.98 -21.37 -1.84
CHA HEM I . 1.78 -23.31 -5.28
CHB HEM I . 3.87 -21.65 -1.26
CHC HEM I . 1.62 -17.44 -1.72
CHD HEM I . -1.01 -19.32 -5.27
C1A HEM I . 2.61 -23.21 -4.18
C2A HEM I . 3.50 -24.23 -3.70
C3A HEM I . 3.94 -23.84 -2.49
C4A HEM I . 3.50 -22.48 -2.30
CMA HEM I . 4.77 -24.60 -1.46
CAA HEM I . 4.01 -25.45 -4.44
CBA HEM I . 3.09 -26.57 -4.91
CGA HEM I . 3.80 -27.55 -5.84
O1A HEM I . 3.35 -28.70 -5.92
O2A HEM I . 4.80 -27.15 -6.49
C1B HEM I . 3.48 -20.35 -1.07
C2B HEM I . 3.97 -19.49 -0.03
C3B HEM I . 3.41 -18.28 -0.21
C4B HEM I . 2.53 -18.38 -1.35
CMB HEM I . 4.94 -19.81 1.09
CAB HEM I . 3.65 -17.18 0.64
CBB HEM I . 2.70 -16.24 1.28
C1C HEM I . 0.66 -17.60 -2.67
C2C HEM I . -0.53 -16.79 -2.81
C3C HEM I . -1.18 -17.23 -3.91
C4C HEM I . -0.55 -18.47 -4.28
CMC HEM I . -1.01 -15.66 -1.92
CAC HEM I . -2.18 -16.59 -4.56
CBC HEM I . -3.51 -16.54 -4.02
C1D HEM I . -0.46 -20.56 -5.60
C2D HEM I . -1.01 -21.48 -6.55
C3D HEM I . -0.14 -22.50 -6.67
C4D HEM I . 0.85 -22.33 -5.65
CMD HEM I . -2.32 -21.33 -7.30
CAD HEM I . -0.17 -23.62 -7.62
CBD HEM I . -0.88 -24.72 -6.90
CGD HEM I . -1.17 -25.88 -7.80
O1D HEM I . -0.23 -26.66 -8.06
O2D HEM I . -2.34 -25.98 -8.25
NA HEM I . 2.64 -22.12 -3.33
NB HEM I . 2.63 -19.65 -1.89
NC HEM I . 0.54 -18.71 -3.48
ND HEM I . 0.64 -21.13 -5.01
FE HEM I . 1.61 -20.39 -3.47
C CYN J . 13.05 17.05 3.76
N CYN J . 12.19 17.02 2.97
CHA HEM K . 14.62 17.99 6.94
CHB HEM K . 16.09 14.90 3.53
CHC HEM K . 11.56 13.32 3.08
CHD HEM K . 10.11 16.34 6.54
C1A HEM K . 15.41 17.31 6.05
C2A HEM K . 16.80 17.59 5.80
C3A HEM K . 17.21 16.71 4.84
C4A HEM K . 16.07 15.92 4.48
CMA HEM K . 18.61 16.48 4.33
CAA HEM K . 17.74 18.58 6.52
CBA HEM K . 18.24 18.03 7.85
CGA HEM K . 19.41 18.82 8.43
O1A HEM K . 20.56 18.34 8.34
O2A HEM K . 19.17 19.91 8.99
C1B HEM K . 15.00 14.11 3.22
C2B HEM K . 15.04 12.96 2.36
C3B HEM K . 13.77 12.65 2.08
C4B HEM K . 12.94 13.41 2.99
CMB HEM K . 16.33 12.31 1.90
CAB HEM K . 13.34 11.86 1.05
CBB HEM K . 12.24 10.96 1.17
C1C HEM K . 10.76 14.04 3.95
C2C HEM K . 9.32 14.03 3.95
C3C HEM K . 8.92 14.79 4.98
C4C HEM K . 10.10 15.38 5.55
CMC HEM K . 8.45 13.30 2.94
CAC HEM K . 7.63 15.00 5.48
CBC HEM K . 6.33 14.88 4.77
C1D HEM K . 11.23 17.00 7.01
C2D HEM K . 11.20 18.05 7.99
C3D HEM K . 12.45 18.54 8.08
C4D HEM K . 13.27 17.76 7.19
CMD HEM K . 9.99 18.56 8.73
CAD HEM K . 12.82 19.72 8.94
CBD HEM K . 12.83 21.06 8.23
CGD HEM K . 12.71 22.23 9.18
O1D HEM K . 11.62 22.86 9.24
O2D HEM K . 13.69 22.53 9.90
NA HEM K . 14.98 16.27 5.25
NB HEM K . 13.74 14.25 3.73
NC HEM K . 11.23 14.92 4.89
ND HEM K . 12.51 16.80 6.56
FE HEM K . 13.13 15.48 5.13
#